data_5MUL
#
_entry.id   5MUL
#
_cell.length_a   120.178
_cell.length_b   120.178
_cell.length_c   52.651
_cell.angle_alpha   90.00
_cell.angle_beta   90.00
_cell.angle_gamma   120.00
#
_symmetry.space_group_name_H-M   'P 61'
#
loop_
_entity.id
_entity.type
_entity.pdbx_description
1 polymer Neuraminidase
2 non-polymer 'beta-D-glucopyranuronic acid'
3 water water
#
_entity_poly.entity_id   1
_entity_poly.type   'polypeptide(L)'
_entity_poly.pdbx_seq_one_letter_code
;MGSSHHHHHHSSGPQQGLRQQKLVEVAKGYSCTSVNTTIFRNNSLVTHGDEQYISYYDADGYLVLGKRKLNSKQWTLHRT
QYRGNVKDAHNIISIMVDGEGYLHVSFDHHGHKLNYCRSIAPGSLELGDKMPMTGVDEGNVTYPEFYPLTDGDLLFVYRS
GSSGRGNLVMNRYSLKDHKWARVQDVLIDGEDKRNAYWQLYVDEKGTIHLSWVWRETWQVETNHDLCYARSFDNGVTWYK
SDGEQYKLPITASNAEYACRIPQNSELINQTSMSADAGGNPYIATYWRSSDSEVPQYRIVWNDGKTWHNRQVTDRKTPFT
LKGGGTKMIPVARPRIVVEDGEIFYIFRDEERGSRVSMAHTADVANGKWIVTDLTDFSVDAWEPSHDTELWKKQRKLNLF
VQHTCQGDGERTAEIEPQMIYVLEANTNTKK
;
_entity_poly.pdbx_strand_id   A
#
# COMPACT_ATOMS: atom_id res chain seq x y z
N LEU A 18 17.24 25.21 1.54
CA LEU A 18 15.82 24.76 1.65
C LEU A 18 14.94 25.38 0.56
N ARG A 19 15.38 25.23 -0.68
CA ARG A 19 14.66 25.72 -1.84
C ARG A 19 13.61 24.70 -2.27
N GLN A 20 14.03 23.45 -2.38
CA GLN A 20 13.27 22.43 -3.09
C GLN A 20 12.12 21.87 -2.25
N GLN A 21 12.48 21.18 -1.19
CA GLN A 21 11.52 20.38 -0.41
C GLN A 21 10.56 21.28 0.31
N LYS A 22 9.30 20.86 0.44
CA LYS A 22 8.31 21.62 1.19
C LYS A 22 7.55 20.72 2.14
N LEU A 23 7.24 21.19 3.33
CA LEU A 23 6.36 20.52 4.26
C LEU A 23 5.06 21.36 4.32
N VAL A 24 4.03 20.89 3.63
CA VAL A 24 2.80 21.64 3.41
C VAL A 24 1.75 21.25 4.41
N GLU A 25 1.26 22.18 5.21
CA GLU A 25 0.23 21.90 6.19
C GLU A 25 -1.09 21.52 5.55
N VAL A 26 -1.76 20.57 6.20
CA VAL A 26 -3.13 20.24 5.87
C VAL A 26 -4.05 20.70 7.00
N ALA A 27 -4.17 19.91 8.05
CA ALA A 27 -4.96 20.22 9.24
C ALA A 27 -4.59 19.24 10.30
N LYS A 28 -5.00 19.50 11.55
CA LYS A 28 -4.74 18.55 12.62
C LYS A 28 -5.72 17.39 12.55
N GLY A 29 -5.22 16.21 12.84
CA GLY A 29 -6.03 15.00 12.84
C GLY A 29 -5.68 14.12 14.02
N TYR A 30 -6.51 13.10 14.24
CA TYR A 30 -6.19 12.04 15.20
C TYR A 30 -4.87 11.37 14.86
N SER A 44 -5.32 8.27 3.16
CA SER A 44 -4.46 8.18 1.98
C SER A 44 -4.41 9.52 1.18
N LEU A 45 -3.60 9.52 0.15
CA LEU A 45 -3.21 10.69 -0.61
C LEU A 45 -3.15 10.30 -2.07
N VAL A 46 -3.94 10.94 -2.92
N VAL A 46 -3.93 10.98 -2.92
CA VAL A 46 -3.99 10.53 -4.32
CA VAL A 46 -4.16 10.53 -4.30
C VAL A 46 -4.24 11.71 -5.23
C VAL A 46 -4.30 11.72 -5.26
N THR A 47 -3.48 11.76 -6.32
CA THR A 47 -3.62 12.82 -7.34
C THR A 47 -4.46 12.33 -8.49
N HIS A 48 -5.34 13.19 -8.95
CA HIS A 48 -6.08 13.02 -10.18
C HIS A 48 -6.02 14.33 -10.95
N GLY A 49 -5.47 14.29 -12.16
CA GLY A 49 -5.28 15.52 -12.95
C GLY A 49 -4.35 16.47 -12.20
N ASP A 50 -4.83 17.70 -11.96
CA ASP A 50 -4.04 18.70 -11.25
C ASP A 50 -4.46 18.88 -9.82
N GLU A 51 -5.22 17.91 -9.29
CA GLU A 51 -5.68 18.01 -7.90
C GLU A 51 -5.21 16.84 -7.09
N GLN A 52 -4.87 17.10 -5.84
CA GLN A 52 -4.46 16.08 -4.87
C GLN A 52 -5.51 15.98 -3.80
N TYR A 53 -5.99 14.76 -3.59
CA TYR A 53 -6.98 14.43 -2.58
C TYR A 53 -6.35 13.78 -1.37
N ILE A 54 -6.94 14.02 -0.22
CA ILE A 54 -6.49 13.44 1.04
C ILE A 54 -7.66 13.02 1.90
N SER A 55 -7.43 12.05 2.78
CA SER A 55 -8.46 11.61 3.74
CA SER A 55 -8.45 11.72 3.76
C SER A 55 -7.82 11.41 5.09
N TYR A 56 -8.54 11.77 6.15
CA TYR A 56 -8.04 11.60 7.53
C TYR A 56 -9.20 11.76 8.50
N TYR A 57 -8.96 11.38 9.75
CA TYR A 57 -9.94 11.62 10.81
C TYR A 57 -9.56 12.86 11.58
N ASP A 58 -10.49 13.79 11.76
CA ASP A 58 -10.22 14.98 12.57
C ASP A 58 -10.25 14.65 14.08
N ALA A 59 -9.99 15.66 14.92
CA ALA A 59 -9.99 15.49 16.38
C ALA A 59 -11.32 14.97 16.95
N ASP A 60 -12.43 15.36 16.33
CA ASP A 60 -13.76 14.91 16.73
C ASP A 60 -14.15 13.53 16.16
N GLY A 61 -13.23 12.90 15.41
CA GLY A 61 -13.42 11.56 14.88
C GLY A 61 -14.13 11.49 13.55
N TYR A 62 -14.40 12.63 12.92
CA TYR A 62 -15.12 12.64 11.65
C TYR A 62 -14.16 12.36 10.52
N LEU A 63 -14.63 11.56 9.58
CA LEU A 63 -13.89 11.32 8.34
CA LEU A 63 -13.91 11.32 8.31
C LEU A 63 -13.95 12.62 7.55
N VAL A 64 -12.77 13.16 7.21
CA VAL A 64 -12.62 14.36 6.39
C VAL A 64 -12.02 13.98 5.04
N LEU A 65 -12.58 14.55 3.98
CA LEU A 65 -12.04 14.47 2.63
C LEU A 65 -11.60 15.85 2.23
N GLY A 66 -10.41 15.95 1.63
CA GLY A 66 -9.88 17.25 1.22
C GLY A 66 -9.24 17.19 -0.12
N LYS A 67 -9.04 18.35 -0.73
CA LYS A 67 -8.30 18.44 -1.96
C LYS A 67 -7.64 19.79 -2.11
N ARG A 68 -6.58 19.81 -2.88
CA ARG A 68 -5.91 21.05 -3.28
C ARG A 68 -5.54 20.96 -4.72
N LYS A 69 -5.33 22.12 -5.33
CA LYS A 69 -4.60 22.19 -6.55
C LYS A 69 -3.12 21.94 -6.26
N LEU A 70 -2.51 21.13 -7.08
CA LEU A 70 -1.07 20.96 -6.99
C LEU A 70 -0.40 22.32 -7.17
N ASN A 71 0.72 22.50 -6.49
CA ASN A 71 1.53 23.72 -6.55
C ASN A 71 0.81 24.87 -5.85
N SER A 72 -0.13 24.56 -4.97
CA SER A 72 -0.73 25.54 -4.06
CA SER A 72 -0.81 25.52 -4.09
C SER A 72 -0.79 24.95 -2.67
N LYS A 73 -1.07 25.76 -1.66
N LYS A 73 -1.09 25.79 -1.70
CA LYS A 73 -1.15 25.25 -0.29
CA LYS A 73 -1.13 25.43 -0.27
C LYS A 73 -2.53 25.47 0.31
C LYS A 73 -2.54 25.40 0.29
N GLN A 74 -3.55 25.75 -0.51
CA GLN A 74 -4.91 25.90 -0.02
C GLN A 74 -5.71 24.59 -0.17
N TRP A 75 -6.10 24.05 0.97
CA TRP A 75 -6.96 22.86 0.98
C TRP A 75 -8.41 23.25 1.14
N THR A 76 -9.26 22.61 0.35
CA THR A 76 -10.69 22.60 0.63
C THR A 76 -10.95 21.33 1.43
N LEU A 77 -11.46 21.49 2.64
CA LEU A 77 -11.65 20.38 3.58
C LEU A 77 -13.12 20.19 3.89
N HIS A 78 -13.62 18.98 3.71
CA HIS A 78 -15.04 18.66 3.85
C HIS A 78 -15.19 17.58 4.89
N ARG A 79 -15.79 17.93 6.03
CA ARG A 79 -16.15 16.97 7.05
C ARG A 79 -17.38 16.22 6.54
N THR A 80 -17.27 14.92 6.45
CA THR A 80 -18.35 14.09 5.90
C THR A 80 -19.33 13.76 7.02
N GLN A 81 -20.37 13.02 6.64
CA GLN A 81 -21.40 12.56 7.58
C GLN A 81 -21.00 11.32 8.38
N TYR A 82 -19.77 10.81 8.18
CA TYR A 82 -19.32 9.56 8.76
C TYR A 82 -18.32 9.83 9.88
N ARG A 83 -18.50 9.13 10.99
CA ARG A 83 -17.65 9.34 12.18
C ARG A 83 -17.01 8.02 12.60
N GLY A 84 -15.70 8.06 12.90
CA GLY A 84 -14.94 6.90 13.37
C GLY A 84 -14.70 6.93 14.88
N ALA A 89 -7.31 -3.54 12.54
CA ALA A 89 -8.47 -3.11 11.75
C ALA A 89 -9.30 -2.07 12.51
N HIS A 90 -8.61 -1.03 12.99
CA HIS A 90 -9.19 0.00 13.87
C HIS A 90 -9.79 1.17 13.10
N ASN A 91 -8.95 1.94 12.39
CA ASN A 91 -9.38 3.18 11.73
C ASN A 91 -8.65 3.40 10.39
N ILE A 92 -9.11 2.70 9.37
CA ILE A 92 -8.45 2.66 8.05
C ILE A 92 -9.33 3.33 7.01
N ILE A 93 -8.74 4.19 6.18
CA ILE A 93 -9.45 4.87 5.08
C ILE A 93 -8.68 4.63 3.79
N SER A 94 -9.36 4.21 2.73
CA SER A 94 -8.76 4.12 1.38
CA SER A 94 -8.76 4.18 1.43
C SER A 94 -9.65 4.92 0.44
N ILE A 95 -9.01 5.71 -0.43
CA ILE A 95 -9.68 6.49 -1.45
C ILE A 95 -9.01 6.33 -2.80
N MET A 96 -9.78 6.53 -3.87
CA MET A 96 -9.24 6.51 -5.23
C MET A 96 -10.20 7.27 -6.11
N VAL A 97 -9.69 7.89 -7.15
CA VAL A 97 -10.54 8.59 -8.11
C VAL A 97 -10.57 7.77 -9.38
N ASP A 98 -11.76 7.59 -9.95
CA ASP A 98 -11.93 6.86 -11.21
C ASP A 98 -11.71 7.74 -12.45
N GLY A 99 -11.86 7.17 -13.65
CA GLY A 99 -11.58 7.91 -14.88
C GLY A 99 -12.55 9.02 -15.20
N GLU A 100 -13.70 9.00 -14.53
CA GLU A 100 -14.69 10.07 -14.65
C GLU A 100 -14.51 11.15 -13.58
N GLY A 101 -13.56 10.99 -12.65
CA GLY A 101 -13.33 11.95 -11.59
C GLY A 101 -14.12 11.74 -10.33
N TYR A 102 -14.87 10.63 -10.22
CA TYR A 102 -15.57 10.34 -8.99
C TYR A 102 -14.60 9.80 -7.94
N LEU A 103 -14.76 10.25 -6.70
CA LEU A 103 -13.98 9.75 -5.58
C LEU A 103 -14.71 8.56 -5.00
N HIS A 104 -14.03 7.43 -4.84
CA HIS A 104 -14.53 6.22 -4.20
C HIS A 104 -13.82 6.12 -2.87
N VAL A 105 -14.58 5.83 -1.81
CA VAL A 105 -14.09 5.87 -0.44
C VAL A 105 -14.56 4.63 0.29
N SER A 106 -13.65 3.97 1.00
CA SER A 106 -14.00 2.87 1.87
C SER A 106 -13.24 3.00 3.17
N PHE A 107 -13.89 2.66 4.27
CA PHE A 107 -13.29 2.77 5.57
C PHE A 107 -13.67 1.57 6.43
N ASP A 108 -12.76 1.24 7.34
CA ASP A 108 -12.86 0.06 8.20
C ASP A 108 -12.72 0.61 9.61
N HIS A 109 -13.83 0.53 10.35
CA HIS A 109 -13.85 0.86 11.78
C HIS A 109 -13.99 -0.45 12.57
N HIS A 110 -15.18 -1.05 12.53
CA HIS A 110 -15.50 -2.25 13.32
C HIS A 110 -15.06 -3.57 12.69
N GLY A 111 -14.73 -3.56 11.41
CA GLY A 111 -14.40 -4.77 10.67
C GLY A 111 -15.56 -5.67 10.34
N HIS A 112 -16.78 -5.12 10.26
CA HIS A 112 -17.92 -5.94 9.89
C HIS A 112 -18.41 -5.51 8.52
N LYS A 113 -19.56 -4.90 8.37
CA LYS A 113 -20.10 -4.67 7.05
C LYS A 113 -19.20 -3.70 6.25
N LEU A 114 -19.11 -3.96 4.96
CA LEU A 114 -18.46 -3.03 4.04
C LEU A 114 -19.00 -1.62 4.20
N ASN A 115 -18.08 -0.67 4.32
CA ASN A 115 -18.41 0.76 4.29
C ASN A 115 -17.82 1.33 3.01
N TYR A 116 -18.66 1.65 2.05
CA TYR A 116 -18.23 2.10 0.73
C TYR A 116 -19.16 3.19 0.25
N CYS A 117 -18.59 4.30 -0.18
CA CYS A 117 -19.30 5.51 -0.66
CA CYS A 117 -19.41 5.32 -0.84
C CYS A 117 -18.62 6.03 -1.90
N ARG A 118 -19.39 6.74 -2.74
N ARG A 118 -19.30 6.93 -2.59
CA ARG A 118 -18.86 7.48 -3.88
CA ARG A 118 -19.04 7.36 -4.12
CA ARG A 118 -18.79 7.50 -3.81
C ARG A 118 -19.19 8.96 -3.72
C ARG A 118 -19.23 8.95 -3.81
N SER A 119 -18.39 9.85 -4.30
CA SER A 119 -18.75 11.25 -4.37
C SER A 119 -19.99 11.42 -5.24
N ILE A 120 -20.74 12.46 -4.96
CA ILE A 120 -22.00 12.68 -5.67
C ILE A 120 -21.82 13.07 -7.12
N ALA A 121 -20.65 13.61 -7.45
CA ALA A 121 -20.33 14.09 -8.77
C ALA A 121 -18.83 14.10 -8.98
N PRO A 122 -18.39 14.16 -10.24
CA PRO A 122 -16.96 14.31 -10.51
C PRO A 122 -16.35 15.51 -9.78
N GLY A 123 -15.25 15.29 -9.06
CA GLY A 123 -14.58 16.36 -8.36
C GLY A 123 -15.10 16.73 -7.00
N SER A 124 -16.26 16.20 -6.61
CA SER A 124 -16.89 16.57 -5.36
C SER A 124 -16.26 15.82 -4.19
N LEU A 125 -16.23 16.46 -3.03
CA LEU A 125 -15.84 15.87 -1.76
C LEU A 125 -17.06 15.38 -0.97
N GLU A 126 -18.27 15.67 -1.47
CA GLU A 126 -19.50 15.23 -0.81
CA GLU A 126 -19.49 15.21 -0.79
C GLU A 126 -19.78 13.77 -1.17
N LEU A 127 -20.03 12.96 -0.16
CA LEU A 127 -20.29 11.55 -0.32
C LEU A 127 -21.76 11.21 -0.26
N GLY A 128 -22.15 10.20 -1.04
CA GLY A 128 -23.49 9.65 -0.93
C GLY A 128 -23.61 8.70 0.25
N ASP A 129 -24.78 8.07 0.37
CA ASP A 129 -24.99 6.98 1.31
C ASP A 129 -24.07 5.79 1.05
N LYS A 130 -23.85 5.00 2.07
CA LYS A 130 -23.11 3.74 1.94
C LYS A 130 -23.85 2.86 0.94
N MET A 131 -23.09 2.11 0.14
CA MET A 131 -23.69 1.25 -0.84
C MET A 131 -22.92 -0.08 -0.95
N PRO A 132 -23.56 -1.11 -1.52
CA PRO A 132 -22.84 -2.35 -1.75
CA PRO A 132 -22.81 -2.33 -1.75
C PRO A 132 -21.91 -2.21 -2.95
N MET A 133 -21.04 -3.18 -3.12
CA MET A 133 -20.29 -3.33 -4.34
C MET A 133 -20.99 -4.44 -5.16
N THR A 134 -20.81 -5.69 -4.75
CA THR A 134 -21.46 -6.83 -5.42
C THR A 134 -22.63 -7.36 -4.58
N GLY A 135 -22.73 -6.97 -3.32
CA GLY A 135 -23.73 -7.53 -2.42
C GLY A 135 -23.46 -8.95 -1.95
N VAL A 136 -22.25 -9.47 -2.15
CA VAL A 136 -21.91 -10.84 -1.80
C VAL A 136 -20.62 -10.78 -1.00
N ASP A 137 -20.58 -11.47 0.13
CA ASP A 137 -19.42 -11.52 0.97
C ASP A 137 -18.98 -10.11 1.43
N GLU A 138 -19.93 -9.31 1.85
CA GLU A 138 -19.66 -7.93 2.29
C GLU A 138 -20.00 -7.70 3.75
N GLY A 139 -20.06 -8.77 4.54
CA GLY A 139 -20.37 -8.68 5.96
C GLY A 139 -19.23 -8.64 6.96
N ASN A 140 -18.00 -9.02 6.54
CA ASN A 140 -16.84 -9.05 7.45
CA ASN A 140 -16.84 -9.15 7.40
C ASN A 140 -15.61 -8.55 6.71
N VAL A 141 -15.59 -7.25 6.55
CA VAL A 141 -14.60 -6.57 5.71
C VAL A 141 -13.61 -5.81 6.56
N THR A 142 -12.31 -6.08 6.39
CA THR A 142 -11.26 -5.23 6.91
C THR A 142 -10.25 -4.89 5.83
N TYR A 143 -9.42 -3.89 6.12
CA TYR A 143 -8.31 -3.51 5.25
C TYR A 143 -8.71 -3.30 3.78
N PRO A 144 -9.66 -2.39 3.53
CA PRO A 144 -10.01 -2.04 2.17
C PRO A 144 -8.88 -1.33 1.44
N GLU A 145 -8.72 -1.62 0.14
CA GLU A 145 -7.66 -0.97 -0.64
C GLU A 145 -8.18 -0.77 -2.06
N PHE A 146 -8.08 0.43 -2.61
CA PHE A 146 -8.33 0.68 -4.03
C PHE A 146 -7.05 0.81 -4.82
N TYR A 147 -7.15 0.48 -6.11
CA TYR A 147 -6.06 0.68 -7.05
C TYR A 147 -6.67 1.13 -8.35
N PRO A 148 -5.97 1.95 -9.15
CA PRO A 148 -6.45 2.26 -10.48
C PRO A 148 -6.15 1.13 -11.46
N LEU A 149 -6.94 1.00 -12.52
CA LEU A 149 -6.67 0.09 -13.61
C LEU A 149 -6.68 0.91 -14.89
N THR A 150 -6.30 0.28 -15.99
CA THR A 150 -6.28 0.96 -17.27
CA THR A 150 -6.24 0.96 -17.27
C THR A 150 -7.62 1.54 -17.63
N ASP A 151 -7.55 2.69 -18.29
CA ASP A 151 -8.73 3.36 -18.87
C ASP A 151 -9.81 3.75 -17.87
N GLY A 152 -9.39 4.03 -16.64
CA GLY A 152 -10.30 4.65 -15.68
C GLY A 152 -11.08 3.73 -14.78
N ASP A 153 -10.91 2.43 -14.95
CA ASP A 153 -11.50 1.42 -14.07
C ASP A 153 -10.77 1.40 -12.73
N LEU A 154 -11.37 0.77 -11.73
CA LEU A 154 -10.73 0.59 -10.39
C LEU A 154 -10.69 -0.88 -10.00
N LEU A 155 -9.69 -1.25 -9.21
CA LEU A 155 -9.61 -2.52 -8.50
C LEU A 155 -9.89 -2.23 -7.04
N PHE A 156 -10.53 -3.18 -6.36
CA PHE A 156 -10.72 -3.10 -4.90
C PHE A 156 -10.32 -4.42 -4.32
N VAL A 157 -9.50 -4.41 -3.29
CA VAL A 157 -9.09 -5.63 -2.59
C VAL A 157 -9.43 -5.42 -1.15
N TYR A 158 -9.92 -6.45 -0.48
CA TYR A 158 -10.18 -6.40 0.98
C TYR A 158 -9.91 -7.75 1.59
N ARG A 159 -9.76 -7.73 2.91
CA ARG A 159 -9.63 -8.94 3.71
CA ARG A 159 -9.62 -8.95 3.72
C ARG A 159 -11.03 -9.33 4.18
N SER A 160 -11.55 -10.42 3.63
CA SER A 160 -12.84 -10.94 4.08
C SER A 160 -12.64 -11.96 5.20
N GLY A 161 -13.45 -11.78 6.24
CA GLY A 161 -13.49 -12.72 7.37
C GLY A 161 -14.68 -13.66 7.34
N SER A 162 -15.41 -13.75 6.23
CA SER A 162 -16.65 -14.51 6.29
C SER A 162 -16.44 -16.01 6.39
N SER A 163 -15.22 -16.50 6.18
CA SER A 163 -14.93 -17.92 6.38
C SER A 163 -14.52 -18.23 7.78
N GLY A 164 -14.25 -17.22 8.57
CA GLY A 164 -13.60 -17.36 9.88
C GLY A 164 -12.13 -16.97 9.94
N ARG A 165 -11.51 -16.85 8.75
CA ARG A 165 -10.13 -16.47 8.61
C ARG A 165 -10.03 -15.50 7.45
N GLY A 166 -9.05 -14.64 7.50
CA GLY A 166 -8.90 -13.61 6.46
C GLY A 166 -8.56 -14.18 5.11
N ASN A 167 -9.25 -13.66 4.09
CA ASN A 167 -9.09 -14.14 2.73
C ASN A 167 -9.12 -12.93 1.78
N LEU A 168 -8.23 -12.91 0.80
CA LEU A 168 -8.18 -11.80 -0.18
C LEU A 168 -9.33 -11.92 -1.15
N VAL A 169 -10.18 -10.91 -1.19
CA VAL A 169 -11.28 -10.82 -2.15
C VAL A 169 -11.01 -9.61 -3.06
N MET A 170 -11.21 -9.77 -4.37
CA MET A 170 -10.83 -8.76 -5.35
C MET A 170 -11.99 -8.46 -6.28
N ASN A 171 -12.33 -7.19 -6.42
CA ASN A 171 -13.41 -6.71 -7.28
C ASN A 171 -12.86 -5.72 -8.29
N ARG A 172 -13.61 -5.50 -9.36
CA ARG A 172 -13.28 -4.48 -10.37
C ARG A 172 -14.49 -3.60 -10.61
N TYR A 173 -14.26 -2.30 -10.71
CA TYR A 173 -15.26 -1.32 -11.12
C TYR A 173 -15.05 -0.99 -12.58
N SER A 174 -16.06 -1.32 -13.39
CA SER A 174 -16.02 -1.03 -14.83
C SER A 174 -16.66 0.30 -15.07
N LEU A 175 -15.89 1.21 -15.65
CA LEU A 175 -16.37 2.55 -15.89
C LEU A 175 -17.45 2.55 -16.98
N LYS A 176 -17.38 1.64 -17.94
CA LYS A 176 -18.35 1.61 -19.06
C LYS A 176 -19.75 1.12 -18.65
N ASP A 177 -19.86 0.35 -17.58
CA ASP A 177 -21.19 -0.01 -17.05
C ASP A 177 -21.44 0.43 -15.62
N HIS A 178 -20.48 1.14 -15.01
CA HIS A 178 -20.65 1.76 -13.70
C HIS A 178 -21.06 0.80 -12.60
N LYS A 179 -20.51 -0.41 -12.67
CA LYS A 179 -20.80 -1.44 -11.69
C LYS A 179 -19.53 -2.13 -11.25
N TRP A 180 -19.63 -2.69 -10.05
CA TRP A 180 -18.60 -3.56 -9.49
C TRP A 180 -18.91 -5.01 -9.83
N ALA A 181 -17.87 -5.79 -10.10
CA ALA A 181 -17.97 -7.25 -10.29
C ALA A 181 -16.88 -7.92 -9.53
N ARG A 182 -17.14 -9.14 -9.10
CA ARG A 182 -16.14 -9.96 -8.44
CA ARG A 182 -16.15 -9.97 -8.45
C ARG A 182 -15.14 -10.43 -9.47
N VAL A 183 -13.86 -10.31 -9.16
CA VAL A 183 -12.78 -10.81 -10.00
C VAL A 183 -12.27 -12.14 -9.48
N GLN A 184 -11.95 -12.19 -8.19
CA GLN A 184 -11.58 -13.45 -7.56
C GLN A 184 -12.16 -13.55 -6.17
N ASP A 185 -12.74 -14.72 -5.89
CA ASP A 185 -13.18 -15.09 -4.55
C ASP A 185 -12.09 -15.74 -3.75
N VAL A 186 -11.24 -16.52 -4.40
CA VAL A 186 -10.13 -17.16 -3.75
C VAL A 186 -8.91 -17.08 -4.66
N LEU A 187 -7.96 -16.28 -4.23
CA LEU A 187 -6.75 -16.03 -5.01
C LEU A 187 -5.57 -16.61 -4.28
N ILE A 188 -5.38 -16.26 -2.99
CA ILE A 188 -4.37 -16.86 -2.13
C ILE A 188 -5.11 -17.76 -1.13
N ASP A 189 -4.74 -19.04 -1.10
CA ASP A 189 -5.41 -20.03 -0.26
C ASP A 189 -4.41 -20.61 0.74
N GLY A 190 -4.62 -20.32 2.02
N GLY A 190 -4.62 -20.34 2.03
CA GLY A 190 -3.78 -20.85 3.09
CA GLY A 190 -3.76 -20.87 3.09
C GLY A 190 -4.27 -22.19 3.64
C GLY A 190 -4.07 -22.33 3.44
N GLU A 191 -5.22 -22.82 2.95
CA GLU A 191 -5.62 -24.23 3.14
C GLU A 191 -5.83 -24.67 4.60
N ASP A 192 -6.40 -23.79 5.40
CA ASP A 192 -6.55 -24.05 6.84
C ASP A 192 -5.25 -24.13 7.69
N LYS A 193 -4.07 -24.12 7.09
CA LYS A 193 -2.81 -24.16 7.85
C LYS A 193 -2.18 -22.78 8.08
N ARG A 194 -2.60 -21.75 7.33
CA ARG A 194 -1.95 -20.44 7.40
C ARG A 194 -2.77 -19.28 6.85
N ASN A 195 -2.34 -18.08 7.22
CA ASN A 195 -2.92 -16.87 6.65
CA ASN A 195 -2.89 -16.80 6.78
C ASN A 195 -1.87 -16.17 5.81
N ALA A 196 -2.34 -15.28 4.94
CA ALA A 196 -1.47 -14.51 4.06
C ALA A 196 -1.65 -13.03 4.38
N TYR A 197 -0.57 -12.26 4.26
CA TYR A 197 -0.63 -10.80 4.34
C TYR A 197 0.00 -10.25 3.09
N TRP A 198 -0.78 -9.51 2.33
CA TRP A 198 -0.48 -9.13 0.95
C TRP A 198 -0.30 -7.64 0.80
N GLN A 199 0.35 -7.27 -0.31
CA GLN A 199 0.39 -5.90 -0.82
C GLN A 199 0.35 -5.98 -2.33
N LEU A 200 -0.17 -4.94 -2.96
CA LEU A 200 -0.35 -4.90 -4.43
C LEU A 200 0.10 -3.57 -5.00
N TYR A 201 0.31 -3.57 -6.31
CA TYR A 201 0.63 -2.34 -7.04
C TYR A 201 0.20 -2.53 -8.45
N VAL A 202 -0.45 -1.55 -9.05
CA VAL A 202 -0.80 -1.57 -10.47
C VAL A 202 0.22 -0.67 -11.18
N ASP A 203 0.99 -1.24 -12.11
CA ASP A 203 2.07 -0.51 -12.76
C ASP A 203 1.56 0.38 -13.86
N GLU A 204 2.49 1.09 -14.49
CA GLU A 204 2.15 2.08 -15.48
C GLU A 204 1.65 1.46 -16.78
N LYS A 205 1.77 0.13 -16.93
CA LYS A 205 1.23 -0.61 -18.06
C LYS A 205 -0.07 -1.32 -17.71
N GLY A 206 -0.56 -1.13 -16.50
CA GLY A 206 -1.83 -1.75 -16.12
C GLY A 206 -1.76 -3.16 -15.56
N THR A 207 -0.56 -3.67 -15.34
CA THR A 207 -0.39 -4.99 -14.73
C THR A 207 -0.55 -4.88 -13.25
N ILE A 208 -1.30 -5.84 -12.70
CA ILE A 208 -1.50 -5.95 -11.25
C ILE A 208 -0.42 -6.83 -10.67
N HIS A 209 0.39 -6.31 -9.77
CA HIS A 209 1.42 -7.05 -9.06
C HIS A 209 0.94 -7.34 -7.67
N LEU A 210 1.29 -8.51 -7.18
CA LEU A 210 0.82 -9.01 -5.89
C LEU A 210 1.98 -9.69 -5.18
N SER A 211 2.24 -9.34 -3.94
CA SER A 211 3.16 -10.12 -3.13
C SER A 211 2.62 -10.30 -1.74
N TRP A 212 3.15 -11.31 -1.06
CA TRP A 212 2.65 -11.62 0.28
C TRP A 212 3.63 -12.42 1.09
N VAL A 213 3.38 -12.44 2.38
CA VAL A 213 4.05 -13.34 3.30
C VAL A 213 3.01 -14.27 3.89
N TRP A 214 3.45 -15.46 4.32
CA TRP A 214 2.59 -16.41 5.06
C TRP A 214 2.77 -16.20 6.55
N ARG A 215 1.72 -16.54 7.30
CA ARG A 215 1.81 -16.58 8.78
CA ARG A 215 1.71 -16.49 8.78
C ARG A 215 1.08 -17.81 9.28
N GLU A 216 1.83 -18.63 10.03
CA GLU A 216 1.30 -19.94 10.46
C GLU A 216 0.33 -19.88 11.62
N THR A 217 0.61 -19.04 12.60
CA THR A 217 -0.21 -18.96 13.81
C THR A 217 -0.53 -17.51 14.15
N TRP A 218 -1.18 -17.27 15.27
CA TRP A 218 -1.45 -15.92 15.75
C TRP A 218 -0.18 -15.07 16.01
N GLN A 219 0.96 -15.72 16.19
CA GLN A 219 2.18 -15.01 16.57
C GLN A 219 2.97 -14.52 15.37
N VAL A 220 3.36 -13.26 15.46
CA VAL A 220 4.11 -12.59 14.37
C VAL A 220 5.41 -13.28 13.99
N GLU A 221 6.05 -13.95 14.94
CA GLU A 221 7.27 -14.69 14.65
C GLU A 221 7.07 -15.84 13.66
N THR A 222 5.82 -16.24 13.43
CA THR A 222 5.54 -17.30 12.47
C THR A 222 5.28 -16.78 11.04
N ASN A 223 5.56 -15.49 10.79
CA ASN A 223 5.67 -15.00 9.41
C ASN A 223 6.82 -15.67 8.70
N HIS A 224 6.61 -16.01 7.44
CA HIS A 224 7.67 -16.59 6.64
C HIS A 224 7.44 -16.39 5.15
N ASP A 225 8.55 -16.20 4.43
CA ASP A 225 8.61 -16.17 2.98
C ASP A 225 8.01 -14.94 2.32
N LEU A 226 8.40 -14.73 1.08
CA LEU A 226 7.85 -13.67 0.27
CA LEU A 226 7.86 -13.65 0.22
C LEU A 226 7.50 -14.28 -1.09
N CYS A 227 6.23 -14.20 -1.47
CA CYS A 227 5.70 -14.80 -2.67
C CYS A 227 5.18 -13.74 -3.64
N TYR A 228 5.01 -14.12 -4.89
CA TYR A 228 4.69 -13.15 -5.95
C TYR A 228 3.76 -13.73 -6.97
N ALA A 229 2.90 -12.89 -7.53
CA ALA A 229 2.10 -13.15 -8.70
C ALA A 229 1.79 -11.86 -9.43
N ARG A 230 1.49 -11.95 -10.72
CA ARG A 230 1.04 -10.78 -11.47
CA ARG A 230 1.02 -10.78 -11.44
C ARG A 230 -0.05 -11.13 -12.46
N SER A 231 -0.87 -10.15 -12.82
CA SER A 231 -1.93 -10.34 -13.81
C SER A 231 -1.90 -9.24 -14.83
N PHE A 232 -1.93 -9.60 -16.09
CA PHE A 232 -1.97 -8.67 -17.22
C PHE A 232 -3.39 -8.38 -17.70
N ASP A 233 -4.39 -9.11 -17.22
CA ASP A 233 -5.74 -9.05 -17.75
C ASP A 233 -6.76 -8.70 -16.67
N ASN A 234 -6.39 -7.73 -15.82
CA ASN A 234 -7.30 -7.21 -14.79
CA ASN A 234 -7.26 -7.22 -14.76
C ASN A 234 -7.74 -8.29 -13.78
N GLY A 235 -6.87 -9.25 -13.52
CA GLY A 235 -7.11 -10.22 -12.46
C GLY A 235 -7.78 -11.49 -12.82
N VAL A 236 -8.05 -11.73 -14.11
CA VAL A 236 -8.66 -12.98 -14.55
C VAL A 236 -7.65 -14.11 -14.51
N THR A 237 -6.43 -13.87 -14.98
CA THR A 237 -5.36 -14.85 -15.11
CA THR A 237 -5.38 -14.89 -15.02
C THR A 237 -4.11 -14.34 -14.36
N TRP A 238 -3.37 -15.22 -13.68
CA TRP A 238 -2.23 -14.86 -12.89
C TRP A 238 -1.02 -15.65 -13.34
N TYR A 239 0.13 -15.00 -13.25
CA TYR A 239 1.41 -15.54 -13.69
C TYR A 239 2.48 -15.40 -12.64
N LYS A 240 3.47 -16.28 -12.71
CA LYS A 240 4.74 -16.13 -12.06
C LYS A 240 5.63 -15.20 -12.90
N SER A 241 6.68 -14.66 -12.30
CA SER A 241 7.60 -13.74 -13.00
C SER A 241 8.33 -14.40 -14.19
N ASP A 242 8.41 -15.73 -14.22
CA ASP A 242 9.09 -16.48 -15.28
C ASP A 242 8.16 -16.81 -16.44
N GLY A 243 6.93 -16.31 -16.42
CA GLY A 243 5.96 -16.58 -17.47
C GLY A 243 5.08 -17.83 -17.32
N GLU A 244 5.27 -18.60 -16.26
CA GLU A 244 4.41 -19.76 -15.98
C GLU A 244 3.07 -19.23 -15.48
N GLN A 245 1.99 -19.74 -16.02
CA GLN A 245 0.63 -19.39 -15.62
C GLN A 245 0.26 -20.18 -14.39
N TYR A 246 -0.34 -19.52 -13.41
CA TYR A 246 -0.88 -20.22 -12.24
C TYR A 246 -2.18 -20.90 -12.59
N LYS A 247 -2.42 -22.05 -11.95
CA LYS A 247 -3.76 -22.57 -11.79
C LYS A 247 -4.24 -22.19 -10.38
N LEU A 248 -5.28 -21.37 -10.31
CA LEU A 248 -5.74 -20.86 -9.03
C LEU A 248 -6.46 -21.93 -8.21
N PRO A 249 -6.49 -21.82 -6.89
CA PRO A 249 -5.87 -20.74 -6.11
C PRO A 249 -4.39 -20.96 -5.87
N ILE A 250 -3.70 -19.93 -5.38
CA ILE A 250 -2.30 -20.00 -5.12
C ILE A 250 -2.13 -20.41 -3.65
N THR A 251 -1.46 -21.54 -3.45
CA THR A 251 -1.18 -22.08 -2.12
C THR A 251 0.30 -22.06 -1.84
N ALA A 252 0.70 -22.48 -0.65
CA ALA A 252 2.10 -22.54 -0.33
C ALA A 252 2.88 -23.51 -1.24
N SER A 253 2.21 -24.54 -1.77
CA SER A 253 2.85 -25.51 -2.66
CA SER A 253 2.91 -25.49 -2.64
C SER A 253 3.18 -24.95 -4.05
N ASN A 254 2.22 -24.22 -4.65
CA ASN A 254 2.38 -23.75 -6.05
C ASN A 254 2.87 -22.31 -6.20
N ALA A 255 2.96 -21.58 -5.08
CA ALA A 255 3.38 -20.16 -5.13
C ALA A 255 4.77 -20.01 -5.65
N GLU A 256 5.02 -18.90 -6.36
CA GLU A 256 6.35 -18.45 -6.66
C GLU A 256 6.95 -17.81 -5.42
N TYR A 257 8.13 -18.25 -5.03
CA TYR A 257 8.83 -17.71 -3.90
C TYR A 257 9.84 -16.70 -4.41
N ALA A 258 9.61 -15.41 -4.15
CA ALA A 258 10.58 -14.36 -4.46
C ALA A 258 11.76 -14.49 -3.52
N CYS A 259 11.50 -14.84 -2.28
CA CYS A 259 12.55 -15.08 -1.31
CA CYS A 259 12.54 -15.09 -1.25
C CYS A 259 12.07 -16.10 -0.27
N ARG A 260 12.93 -17.07 0.08
CA ARG A 260 12.67 -17.98 1.17
CA ARG A 260 12.63 -17.96 1.18
C ARG A 260 13.23 -17.35 2.45
N ILE A 261 12.36 -17.10 3.43
CA ILE A 261 12.72 -16.44 4.66
C ILE A 261 12.03 -17.22 5.78
N PRO A 262 12.81 -17.88 6.64
CA PRO A 262 12.14 -18.75 7.59
C PRO A 262 11.42 -18.02 8.69
N GLN A 263 10.60 -18.73 9.44
CA GLN A 263 10.03 -18.20 10.66
C GLN A 263 11.14 -17.75 11.62
N ASN A 264 10.79 -16.87 12.55
CA ASN A 264 11.69 -16.32 13.55
C ASN A 264 12.83 -15.51 12.93
N SER A 265 12.55 -14.86 11.79
CA SER A 265 13.51 -13.97 11.12
C SER A 265 13.18 -12.49 11.29
N GLU A 266 12.23 -12.16 12.16
CA GLU A 266 11.80 -10.78 12.34
C GLU A 266 11.25 -10.19 11.02
N LEU A 267 10.67 -11.06 10.17
CA LEU A 267 10.02 -10.67 8.94
C LEU A 267 8.68 -10.04 9.30
N ILE A 268 8.45 -8.83 8.80
CA ILE A 268 7.22 -8.14 9.04
C ILE A 268 6.19 -8.46 7.96
N ASN A 269 4.94 -8.35 8.33
CA ASN A 269 3.81 -8.54 7.40
C ASN A 269 3.16 -7.20 7.01
N GLN A 270 2.62 -7.12 5.79
N GLN A 270 2.61 -7.13 5.80
CA GLN A 270 1.86 -5.98 5.28
CA GLN A 270 1.86 -5.97 5.28
C GLN A 270 2.76 -4.79 5.06
C GLN A 270 2.76 -4.77 5.06
N THR A 271 3.53 -4.84 3.97
CA THR A 271 4.43 -3.74 3.62
C THR A 271 3.94 -3.16 2.30
N SER A 272 4.82 -2.98 1.34
CA SER A 272 4.43 -2.40 0.05
C SER A 272 5.33 -2.86 -1.04
N MET A 273 4.90 -2.62 -2.28
CA MET A 273 5.64 -2.99 -3.43
C MET A 273 5.38 -1.99 -4.53
N SER A 274 6.25 -2.02 -5.54
CA SER A 274 6.16 -1.12 -6.68
C SER A 274 6.65 -1.84 -7.92
N ALA A 275 6.72 -1.12 -9.02
CA ALA A 275 7.22 -1.65 -10.27
C ALA A 275 7.78 -0.49 -11.07
N ASP A 276 8.73 -0.80 -11.94
CA ASP A 276 9.24 0.23 -12.86
C ASP A 276 8.39 0.24 -14.13
N ALA A 277 8.74 1.12 -15.07
CA ALA A 277 8.01 1.24 -16.33
C ALA A 277 8.12 0.02 -17.23
N GLY A 278 9.16 -0.78 -17.03
CA GLY A 278 9.36 -2.05 -17.71
C GLY A 278 8.61 -3.23 -17.12
N GLY A 279 7.81 -2.96 -16.07
CA GLY A 279 7.01 -4.02 -15.41
C GLY A 279 7.77 -4.93 -14.45
N ASN A 280 8.99 -4.56 -14.07
CA ASN A 280 9.75 -5.34 -13.10
C ASN A 280 9.29 -4.97 -11.70
N PRO A 281 9.01 -5.97 -10.86
CA PRO A 281 8.52 -5.72 -9.51
C PRO A 281 9.62 -5.50 -8.48
N TYR A 282 9.32 -4.69 -7.50
CA TYR A 282 10.19 -4.36 -6.38
C TYR A 282 9.39 -4.43 -5.10
N ILE A 283 9.89 -5.12 -4.09
CA ILE A 283 9.20 -5.27 -2.84
C ILE A 283 10.10 -4.73 -1.74
N ALA A 284 9.54 -3.90 -0.86
CA ALA A 284 10.27 -3.36 0.29
C ALA A 284 9.77 -3.99 1.58
N THR A 285 10.68 -4.51 2.39
CA THR A 285 10.34 -5.07 3.68
C THR A 285 11.60 -5.13 4.55
N TYR A 286 11.55 -5.85 5.66
CA TYR A 286 12.74 -6.03 6.50
C TYR A 286 12.73 -7.41 7.11
N TRP A 287 13.93 -7.94 7.43
CA TRP A 287 14.10 -9.19 8.17
C TRP A 287 15.56 -9.27 8.60
N ARG A 288 15.81 -10.22 9.50
CA ARG A 288 17.11 -10.51 10.05
C ARG A 288 17.71 -11.75 9.38
N SER A 289 18.97 -11.64 8.94
CA SER A 289 19.71 -12.77 8.41
C SER A 289 20.02 -13.73 9.56
N SER A 290 20.22 -15.01 9.24
CA SER A 290 20.42 -16.05 10.28
C SER A 290 21.68 -15.86 11.16
N ASP A 291 22.70 -15.18 10.66
CA ASP A 291 23.93 -14.91 11.42
C ASP A 291 23.98 -13.58 12.20
N SER A 292 22.92 -12.77 12.16
CA SER A 292 22.90 -11.46 12.81
C SER A 292 21.77 -11.39 13.85
N GLU A 293 21.95 -10.51 14.83
CA GLU A 293 20.89 -10.14 15.77
C GLU A 293 20.09 -8.92 15.29
N VAL A 294 20.52 -8.31 14.19
CA VAL A 294 20.01 -7.00 13.76
C VAL A 294 19.14 -7.13 12.49
N PRO A 295 17.83 -6.91 12.63
CA PRO A 295 17.02 -6.83 11.39
C PRO A 295 17.44 -5.66 10.50
N GLN A 296 17.39 -5.88 9.19
CA GLN A 296 17.81 -4.88 8.19
C GLN A 296 16.72 -4.67 7.16
N TYR A 297 16.57 -3.44 6.72
CA TYR A 297 15.72 -3.15 5.57
C TYR A 297 16.24 -3.80 4.34
N ARG A 298 15.32 -4.26 3.50
CA ARG A 298 15.66 -4.98 2.31
C ARG A 298 14.85 -4.47 1.13
N ILE A 299 15.40 -4.65 -0.06
CA ILE A 299 14.72 -4.47 -1.31
CA ILE A 299 14.69 -4.50 -1.29
C ILE A 299 14.82 -5.82 -2.04
N VAL A 300 13.71 -6.32 -2.54
CA VAL A 300 13.64 -7.59 -3.26
C VAL A 300 13.09 -7.29 -4.63
N TRP A 301 13.74 -7.68 -5.71
CA TRP A 301 13.27 -7.33 -7.02
C TRP A 301 13.58 -8.39 -8.03
N ASN A 302 12.83 -8.39 -9.11
CA ASN A 302 13.03 -9.33 -10.20
C ASN A 302 13.35 -8.50 -11.43
N ASP A 303 14.44 -8.86 -12.10
CA ASP A 303 14.92 -8.08 -13.26
C ASP A 303 14.47 -8.64 -14.62
N GLY A 304 13.55 -9.61 -14.60
CA GLY A 304 13.11 -10.31 -15.81
C GLY A 304 13.71 -11.71 -15.91
N LYS A 305 14.83 -11.95 -15.21
CA LYS A 305 15.51 -13.23 -15.19
C LYS A 305 15.50 -13.92 -13.84
N THR A 306 15.84 -13.20 -12.78
CA THR A 306 15.92 -13.77 -11.45
C THR A 306 15.56 -12.75 -10.38
N TRP A 307 15.27 -13.29 -9.21
CA TRP A 307 15.09 -12.53 -8.01
C TRP A 307 16.41 -12.19 -7.36
N HIS A 308 16.48 -10.97 -6.84
CA HIS A 308 17.61 -10.49 -6.08
C HIS A 308 17.11 -9.88 -4.79
N ASN A 309 17.95 -9.87 -3.78
CA ASN A 309 17.68 -9.06 -2.61
C ASN A 309 18.92 -8.37 -2.10
N ARG A 310 18.72 -7.20 -1.54
CA ARG A 310 19.80 -6.34 -1.13
C ARG A 310 19.43 -5.63 0.17
N GLN A 311 20.39 -5.54 1.07
CA GLN A 311 20.24 -4.81 2.31
C GLN A 311 20.32 -3.30 1.99
N VAL A 312 19.50 -2.49 2.65
CA VAL A 312 19.36 -1.07 2.28
C VAL A 312 20.13 -0.13 3.18
N THR A 313 20.09 -0.37 4.47
CA THR A 313 20.84 0.45 5.38
C THR A 313 21.75 -0.49 6.23
N ASP A 314 22.48 0.12 7.14
CA ASP A 314 23.49 -0.56 7.92
C ASP A 314 23.13 -0.33 9.38
N ARG A 315 22.10 -1.05 9.82
CA ARG A 315 21.62 -0.90 11.18
C ARG A 315 22.55 -1.67 12.10
N LYS A 316 22.61 -1.24 13.36
CA LYS A 316 23.40 -1.90 14.41
C LYS A 316 22.56 -2.36 15.61
N THR A 317 21.31 -1.92 15.73
CA THR A 317 20.54 -2.06 16.95
C THR A 317 19.56 -3.22 16.79
N PRO A 318 19.71 -4.29 17.57
CA PRO A 318 18.74 -5.36 17.49
C PRO A 318 17.34 -4.93 17.93
N PHE A 319 16.34 -5.61 17.39
CA PHE A 319 15.01 -5.58 17.95
C PHE A 319 14.35 -6.91 17.61
N THR A 320 13.27 -7.22 18.30
CA THR A 320 12.47 -8.38 17.97
C THR A 320 10.99 -7.99 17.88
N LEU A 321 10.25 -8.71 17.04
CA LEU A 321 8.80 -8.55 16.92
C LEU A 321 8.05 -9.37 18.00
N LYS A 322 8.66 -10.43 18.49
CA LYS A 322 8.12 -11.25 19.60
C LYS A 322 8.27 -10.54 20.94
N MET A 328 5.93 -0.82 20.65
CA MET A 328 6.26 -0.02 19.47
C MET A 328 7.48 -0.60 18.74
N ILE A 329 7.29 -1.02 17.49
CA ILE A 329 8.42 -1.53 16.70
C ILE A 329 9.31 -0.33 16.35
N PRO A 330 10.63 -0.45 16.57
CA PRO A 330 11.53 0.73 16.43
C PRO A 330 11.81 1.19 15.01
N VAL A 331 11.32 0.44 14.02
CA VAL A 331 11.39 0.82 12.61
C VAL A 331 10.02 0.72 11.97
N ALA A 332 9.83 1.48 10.89
CA ALA A 332 8.54 1.50 10.16
C ALA A 332 8.56 0.53 8.99
N ARG A 333 7.36 0.15 8.57
CA ARG A 333 7.22 -0.57 7.31
C ARG A 333 7.57 0.44 6.18
N PRO A 334 8.37 0.04 5.22
CA PRO A 334 8.89 0.96 4.22
C PRO A 334 7.98 1.17 3.04
N ARG A 335 8.23 2.28 2.33
CA ARG A 335 7.58 2.60 1.05
C ARG A 335 8.66 2.83 0.00
N ILE A 336 8.36 2.55 -1.25
CA ILE A 336 9.34 2.76 -2.35
C ILE A 336 8.69 3.37 -3.55
N VAL A 337 9.45 4.22 -4.23
CA VAL A 337 9.15 4.62 -5.60
C VAL A 337 10.41 4.34 -6.43
N VAL A 338 10.21 4.04 -7.69
N VAL A 338 10.19 4.03 -7.70
CA VAL A 338 11.30 3.63 -8.55
CA VAL A 338 11.24 3.54 -8.60
C VAL A 338 11.20 4.30 -9.90
C VAL A 338 11.19 4.30 -9.91
N GLU A 339 12.38 4.52 -10.50
CA GLU A 339 12.50 5.08 -11.85
C GLU A 339 13.59 4.23 -12.50
N ASP A 340 13.19 3.23 -13.28
CA ASP A 340 14.11 2.39 -14.07
C ASP A 340 15.36 1.93 -13.30
N GLY A 341 15.15 1.33 -12.13
CA GLY A 341 16.26 0.83 -11.31
C GLY A 341 16.77 1.76 -10.22
N GLU A 342 16.50 3.07 -10.36
CA GLU A 342 16.79 4.04 -9.32
C GLU A 342 15.67 3.93 -8.26
N ILE A 343 16.05 3.87 -7.01
CA ILE A 343 15.09 3.65 -5.92
C ILE A 343 15.16 4.77 -4.92
N PHE A 344 13.98 5.23 -4.47
CA PHE A 344 13.85 6.09 -3.32
C PHE A 344 13.08 5.28 -2.28
N TYR A 345 13.72 4.98 -1.15
CA TYR A 345 13.22 4.01 -0.19
C TYR A 345 12.95 4.77 1.10
N ILE A 346 11.68 4.90 1.49
CA ILE A 346 11.30 5.79 2.59
C ILE A 346 11.06 4.95 3.82
N PHE A 347 11.61 5.36 4.94
CA PHE A 347 11.51 4.61 6.17
C PHE A 347 11.60 5.52 7.38
N ARG A 348 11.53 4.93 8.56
CA ARG A 348 11.68 5.66 9.83
C ARG A 348 12.31 4.69 10.81
N ASP A 349 13.35 5.13 11.54
CA ASP A 349 14.17 4.22 12.35
C ASP A 349 14.62 4.94 13.61
N GLU A 350 14.50 4.28 14.76
CA GLU A 350 14.99 4.85 16.02
C GLU A 350 16.48 5.19 15.95
N GLU A 351 17.25 4.46 15.15
CA GLU A 351 18.68 4.76 14.98
C GLU A 351 18.94 6.13 14.39
N ARG A 352 17.98 6.66 13.62
CA ARG A 352 18.09 7.99 13.02
CA ARG A 352 18.09 7.98 13.01
C ARG A 352 17.22 9.00 13.72
N GLY A 353 16.79 8.70 14.94
CA GLY A 353 15.95 9.58 15.71
C GLY A 353 14.50 9.66 15.30
N SER A 354 14.04 8.58 14.60
CA SER A 354 12.66 8.46 14.19
C SER A 354 12.20 9.61 13.27
N ARG A 355 13.16 10.11 12.50
CA ARG A 355 12.89 11.11 11.46
C ARG A 355 12.17 10.42 10.30
N VAL A 356 11.64 11.17 9.37
CA VAL A 356 11.31 10.67 8.05
C VAL A 356 12.64 10.49 7.34
N SER A 357 12.98 9.29 6.91
CA SER A 357 14.26 9.04 6.27
C SER A 357 14.13 8.47 4.88
N MET A 358 15.17 8.60 4.08
CA MET A 358 15.21 8.13 2.74
C MET A 358 16.52 7.47 2.46
N ALA A 359 16.49 6.33 1.78
CA ALA A 359 17.67 5.74 1.17
C ALA A 359 17.51 5.78 -0.32
N HIS A 360 18.52 6.26 -1.03
CA HIS A 360 18.45 6.45 -2.43
C HIS A 360 19.63 5.76 -3.11
N THR A 361 19.35 4.98 -4.15
CA THR A 361 20.41 4.49 -5.02
C THR A 361 20.08 4.81 -6.45
N ALA A 362 21.11 5.17 -7.22
CA ALA A 362 20.94 5.39 -8.65
C ALA A 362 20.62 4.13 -9.44
N ASP A 363 21.01 2.97 -8.90
CA ASP A 363 20.79 1.72 -9.58
C ASP A 363 20.86 0.63 -8.54
N VAL A 364 19.72 -0.04 -8.32
CA VAL A 364 19.60 -1.05 -7.30
C VAL A 364 20.62 -2.19 -7.48
N ALA A 365 20.96 -2.50 -8.72
CA ALA A 365 21.91 -3.59 -9.01
C ALA A 365 23.34 -3.27 -8.60
N ASN A 366 23.76 -2.02 -8.75
CA ASN A 366 25.21 -1.70 -8.56
C ASN A 366 25.57 -0.49 -7.71
N GLY A 367 24.64 0.45 -7.51
CA GLY A 367 24.96 1.71 -6.87
C GLY A 367 24.91 1.69 -5.36
N LYS A 368 25.71 2.56 -4.74
CA LYS A 368 25.70 2.75 -3.29
C LYS A 368 24.38 3.38 -2.84
N TRP A 369 23.96 3.09 -1.62
CA TRP A 369 22.79 3.75 -1.02
C TRP A 369 23.27 5.03 -0.36
N ILE A 370 22.56 6.14 -0.58
CA ILE A 370 22.78 7.40 0.14
C ILE A 370 21.59 7.56 1.09
N VAL A 371 21.84 7.63 2.38
CA VAL A 371 20.81 7.71 3.41
C VAL A 371 20.75 9.11 4.00
N THR A 372 19.56 9.70 3.93
CA THR A 372 19.33 11.07 4.43
C THR A 372 18.05 11.13 5.21
N ASP A 373 17.88 12.21 5.95
CA ASP A 373 16.66 12.50 6.65
C ASP A 373 15.93 13.62 5.94
N LEU A 374 14.65 13.40 5.67
CA LEU A 374 13.80 14.39 5.04
C LEU A 374 13.21 15.35 6.04
N THR A 375 13.04 14.93 7.29
CA THR A 375 12.76 15.84 8.38
C THR A 375 13.93 15.87 9.32
N ASP A 376 14.00 16.91 10.12
CA ASP A 376 15.01 16.97 11.22
C ASP A 376 14.32 16.88 12.58
N PHE A 377 13.10 16.37 12.60
CA PHE A 377 12.35 16.12 13.81
C PHE A 377 11.77 14.72 13.79
N SER A 378 11.54 14.18 14.99
CA SER A 378 10.94 12.85 15.14
C SER A 378 9.47 12.87 14.81
N VAL A 379 9.03 11.82 14.11
CA VAL A 379 7.62 11.55 13.90
C VAL A 379 7.13 10.29 14.64
N ASP A 380 7.99 9.84 15.56
CA ASP A 380 7.67 8.76 16.50
C ASP A 380 7.24 7.47 15.76
N ALA A 381 5.97 7.06 15.89
CA ALA A 381 5.53 5.77 15.35
C ALA A 381 5.00 5.85 13.93
N TRP A 382 5.24 6.98 13.25
CA TRP A 382 4.81 7.16 11.89
C TRP A 382 5.29 6.07 10.97
N GLU A 383 4.42 5.69 10.05
CA GLU A 383 4.81 4.85 8.94
C GLU A 383 4.52 5.54 7.63
N PRO A 384 5.42 5.38 6.66
CA PRO A 384 5.22 6.12 5.42
C PRO A 384 4.03 5.71 4.59
N SER A 385 3.41 6.67 3.91
CA SER A 385 2.54 6.45 2.79
C SER A 385 2.78 7.61 1.83
N HIS A 386 2.50 7.38 0.57
CA HIS A 386 2.82 8.34 -0.50
C HIS A 386 1.74 8.35 -1.53
N ASP A 387 1.75 9.37 -2.37
CA ASP A 387 0.80 9.54 -3.45
C ASP A 387 1.31 8.71 -4.62
N THR A 388 0.77 7.49 -4.73
CA THR A 388 1.16 6.55 -5.75
CA THR A 388 1.20 6.58 -5.78
C THR A 388 0.97 7.13 -7.18
N GLU A 389 -0.17 7.77 -7.42
CA GLU A 389 -0.48 8.22 -8.74
C GLU A 389 0.37 9.42 -9.14
N LEU A 390 0.65 10.31 -8.19
CA LEU A 390 1.50 11.44 -8.48
C LEU A 390 2.88 10.98 -8.96
N TRP A 391 3.44 9.93 -8.34
CA TRP A 391 4.72 9.40 -8.79
C TRP A 391 4.62 8.81 -10.19
N LYS A 392 3.58 8.03 -10.44
CA LYS A 392 3.47 7.43 -11.78
C LYS A 392 3.30 8.48 -12.88
N LYS A 393 2.50 9.50 -12.61
CA LYS A 393 2.14 10.49 -13.64
C LYS A 393 3.15 11.60 -13.78
N GLN A 394 3.77 12.04 -12.69
CA GLN A 394 4.62 13.24 -12.70
C GLN A 394 6.01 13.05 -12.12
N ARG A 395 6.34 11.84 -11.64
CA ARG A 395 7.60 11.60 -10.96
C ARG A 395 7.87 12.62 -9.86
N LYS A 396 6.85 12.91 -9.08
CA LYS A 396 6.98 13.72 -7.87
C LYS A 396 6.59 12.84 -6.72
N LEU A 397 7.40 12.87 -5.65
CA LEU A 397 7.20 12.10 -4.45
C LEU A 397 6.58 13.00 -3.41
N ASN A 398 5.35 12.69 -3.02
CA ASN A 398 4.67 13.37 -1.92
C ASN A 398 4.30 12.37 -0.85
N LEU A 399 4.63 12.66 0.38
CA LEU A 399 4.41 11.78 1.53
C LEU A 399 3.41 12.37 2.47
N PHE A 400 2.56 11.54 3.05
CA PHE A 400 1.68 11.91 4.13
C PHE A 400 2.52 11.83 5.40
N VAL A 401 2.73 12.95 6.10
CA VAL A 401 3.58 13.03 7.29
C VAL A 401 2.78 13.57 8.46
N GLN A 402 2.86 12.86 9.58
CA GLN A 402 2.22 13.29 10.79
C GLN A 402 2.92 12.63 11.96
N HIS A 403 3.21 13.41 13.00
CA HIS A 403 3.68 12.86 14.27
C HIS A 403 2.60 11.94 14.84
N THR A 404 2.98 10.69 15.08
CA THR A 404 2.07 9.60 15.35
C THR A 404 2.46 8.97 16.69
N CYS A 405 1.53 8.93 17.65
CA CYS A 405 1.83 8.36 18.97
C CYS A 405 1.84 6.82 18.94
N PRO A 417 -4.21 16.23 19.20
CA PRO A 417 -4.28 16.28 17.73
C PRO A 417 -3.00 16.81 17.11
N GLN A 418 -2.50 16.12 16.08
CA GLN A 418 -1.21 16.47 15.47
C GLN A 418 -1.42 16.91 14.01
N MET A 419 -0.71 17.96 13.60
CA MET A 419 -0.79 18.47 12.22
C MET A 419 -0.40 17.39 11.22
N ILE A 420 -1.24 17.23 10.23
CA ILE A 420 -0.94 16.44 9.05
C ILE A 420 -0.29 17.37 8.03
N TYR A 421 0.79 16.88 7.40
CA TYR A 421 1.46 17.58 6.32
C TYR A 421 1.58 16.71 5.08
N VAL A 422 1.71 17.34 3.92
CA VAL A 422 2.22 16.66 2.72
C VAL A 422 3.66 17.09 2.57
N LEU A 423 4.60 16.15 2.64
CA LEU A 423 6.00 16.45 2.39
C LEU A 423 6.29 16.24 0.92
N GLU A 424 6.65 17.32 0.22
CA GLU A 424 7.00 17.29 -1.17
C GLU A 424 8.50 17.11 -1.29
N ALA A 425 8.94 15.88 -1.55
CA ALA A 425 10.36 15.53 -1.54
C ALA A 425 11.02 15.82 -2.85
N ASN A 426 12.32 16.13 -2.80
CA ASN A 426 13.10 16.27 -4.01
C ASN A 426 13.62 14.90 -4.46
N THR A 427 13.45 14.57 -5.72
CA THR A 427 13.97 13.35 -6.28
C THR A 427 14.77 13.53 -7.58
N ASN A 428 14.85 14.75 -8.13
CA ASN A 428 15.69 14.98 -9.31
C ASN A 428 16.09 16.45 -9.46
#